data_5WWM
#
_entry.id   5WWM
#
_cell.length_a   114.526
_cell.length_b   114.526
_cell.length_c   70.933
_cell.angle_alpha   90.000
_cell.angle_beta   90.000
_cell.angle_gamma   120.000
#
_symmetry.space_group_name_H-M   'P 32 2 1'
#
loop_
_entity.id
_entity.type
_entity.pdbx_description
1 polymer 'rRNA biogenesis protein RRP5'
2 non-polymer 'SULFATE ION'
3 water water
#
_entity_poly.entity_id   1
_entity_poly.type   'polypeptide(L)'
_entity_poly.pdbx_seq_one_letter_code
;DGLSLSAGFDWTASILDQAQEEEESDQDQEDFTENKKHKHKRRKENVVQDKTIDINTRAPESVADFERLLIGNPNSSVVW
MNYMAFQLQLSEIEKARELAERALKTINFREEAEKLNIWIAMLNLENTFGTEETLEEVFSRACQYMDSYTIHTKLLGIYE
ISEKFDKAAELFKATAKKFGGEKVSIWVSWGDFLISHNEEQEARTILGNALKALPKRNHIEVVRKFAQLEFAKGDPERGR
SLFEGLVADAPKRIDLWNVYVDQEVKAKDKKKVEDLFERIITKKITRKQAKFFFNKWLQFEESEGDEKTIEYVKAKATEY
VASHESQKADE
;
_entity_poly.pdbx_strand_id   A
#
loop_
_chem_comp.id
_chem_comp.type
_chem_comp.name
_chem_comp.formula
SO4 non-polymer 'SULFATE ION' 'O4 S -2'
#
# COMPACT_ATOMS: atom_id res chain seq x y z
N ASP A 10 -18.08 12.19 -8.20
CA ASP A 10 -17.15 11.48 -9.10
C ASP A 10 -15.69 11.82 -8.80
N TRP A 11 -15.35 13.11 -8.97
CA TRP A 11 -14.07 13.62 -8.49
C TRP A 11 -13.90 13.35 -7.00
N THR A 12 -14.97 13.50 -6.22
CA THR A 12 -14.89 13.24 -4.78
C THR A 12 -14.74 11.76 -4.49
N ALA A 13 -15.10 10.89 -5.44
CA ALA A 13 -14.93 9.46 -5.20
C ALA A 13 -13.46 9.06 -5.20
N SER A 14 -12.66 9.65 -6.11
CA SER A 14 -11.23 9.30 -6.12
C SER A 14 -10.53 9.82 -4.86
N ILE A 15 -10.97 10.94 -4.30
CA ILE A 15 -10.34 11.43 -3.08
C ILE A 15 -10.68 10.54 -1.89
N LEU A 16 -11.94 10.11 -1.78
CA LEU A 16 -12.30 9.19 -0.71
C LEU A 16 -11.55 7.87 -0.84
N ASP A 17 -11.19 7.51 -2.07
CA ASP A 17 -10.32 6.36 -2.26
C ASP A 17 -8.90 6.67 -1.80
N GLN A 18 -8.31 7.74 -2.34
CA GLN A 18 -6.99 8.17 -1.92
C GLN A 18 -6.87 8.31 -0.41
N ALA A 19 -7.97 8.70 0.26
CA ALA A 19 -7.91 8.98 1.69
C ALA A 19 -7.78 7.74 2.54
N GLN A 20 -8.09 6.56 2.00
CA GLN A 20 -7.90 5.32 2.75
C GLN A 20 -6.44 4.84 2.77
N ALA A 59 -30.70 16.24 -5.13
CA ALA A 59 -29.33 16.20 -5.63
C ALA A 59 -28.82 17.60 -5.96
N PRO A 60 -27.91 18.12 -5.12
CA PRO A 60 -27.54 19.54 -5.20
C PRO A 60 -27.04 19.97 -6.57
N GLU A 61 -27.54 21.11 -7.05
CA GLU A 61 -27.17 21.60 -8.37
C GLU A 61 -26.85 23.08 -8.41
N SER A 62 -26.68 23.75 -7.27
CA SER A 62 -26.34 25.16 -7.34
C SER A 62 -25.68 25.59 -6.04
N VAL A 63 -25.05 26.76 -6.10
CA VAL A 63 -24.46 27.36 -4.91
C VAL A 63 -25.46 27.34 -3.74
N ALA A 64 -26.70 27.78 -3.99
CA ALA A 64 -27.67 27.84 -2.90
C ALA A 64 -27.98 26.46 -2.34
N ASP A 65 -28.05 25.45 -3.21
CA ASP A 65 -28.23 24.09 -2.72
C ASP A 65 -27.09 23.67 -1.78
N PHE A 66 -25.85 23.95 -2.17
CA PHE A 66 -24.73 23.54 -1.33
C PHE A 66 -24.69 24.36 -0.05
N GLU A 67 -24.83 25.67 -0.15
CA GLU A 67 -24.83 26.48 1.06
C GLU A 67 -25.93 26.01 2.03
N ARG A 68 -27.04 25.51 1.51
CA ARG A 68 -28.06 24.95 2.37
C ARG A 68 -27.57 23.69 3.05
N LEU A 69 -26.98 22.76 2.28
CA LEU A 69 -26.45 21.53 2.86
C LEU A 69 -25.35 21.79 3.86
N LEU A 70 -24.62 22.89 3.70
CA LEU A 70 -23.56 23.18 4.66
C LEU A 70 -24.13 23.66 5.98
N ILE A 71 -25.36 24.15 5.99
CA ILE A 71 -25.96 24.58 7.24
C ILE A 71 -26.19 23.39 8.15
N GLY A 72 -26.60 22.26 7.59
CA GLY A 72 -26.89 21.09 8.39
C GLY A 72 -25.72 20.14 8.57
N ASN A 73 -24.69 20.28 7.74
CA ASN A 73 -23.54 19.35 7.78
C ASN A 73 -22.23 20.11 7.60
N PRO A 74 -21.97 21.10 8.45
CA PRO A 74 -20.74 21.89 8.26
C PRO A 74 -19.47 21.07 8.35
N ASN A 75 -19.51 19.91 9.02
CA ASN A 75 -18.31 19.10 9.23
C ASN A 75 -18.12 18.04 8.16
N SER A 76 -18.89 18.06 7.07
CA SER A 76 -18.88 16.95 6.13
C SER A 76 -18.04 17.32 4.91
N SER A 77 -16.89 16.64 4.77
CA SER A 77 -16.00 16.95 3.66
C SER A 77 -16.61 16.51 2.33
N VAL A 78 -17.47 15.48 2.35
CA VAL A 78 -18.13 15.06 1.10
C VAL A 78 -18.97 16.19 0.55
N VAL A 79 -19.65 16.95 1.41
CA VAL A 79 -20.43 18.05 0.89
C VAL A 79 -19.51 19.13 0.36
N TRP A 80 -18.47 19.46 1.13
CA TRP A 80 -17.51 20.46 0.69
C TRP A 80 -16.81 20.02 -0.60
N MET A 81 -16.51 18.74 -0.72
CA MET A 81 -15.87 18.23 -1.93
C MET A 81 -16.79 18.31 -3.14
N ASN A 82 -18.04 17.83 -3.00
CA ASN A 82 -19.00 17.96 -4.10
C ASN A 82 -19.17 19.43 -4.49
N TYR A 83 -19.17 20.32 -3.51
CA TYR A 83 -19.29 21.74 -3.80
C TYR A 83 -18.05 22.26 -4.54
N MET A 84 -16.83 21.91 -4.07
CA MET A 84 -15.62 22.21 -4.83
C MET A 84 -15.69 21.64 -6.24
N ALA A 85 -16.26 20.44 -6.37
CA ALA A 85 -16.34 19.80 -7.68
C ALA A 85 -17.25 20.58 -8.61
N PHE A 86 -18.50 20.79 -8.18
CA PHE A 86 -19.45 21.65 -8.88
C PHE A 86 -18.78 22.90 -9.42
N GLN A 87 -18.02 23.58 -8.56
CA GLN A 87 -17.35 24.80 -8.99
C GLN A 87 -16.17 24.51 -9.94
N LEU A 88 -15.67 23.28 -9.97
CA LEU A 88 -14.62 22.94 -10.92
C LEU A 88 -15.17 22.59 -12.30
N GLN A 89 -16.27 21.84 -12.39
CA GLN A 89 -16.86 21.58 -13.71
C GLN A 89 -17.39 22.84 -14.38
N LEU A 90 -17.33 23.98 -13.71
CA LEU A 90 -17.64 25.27 -14.28
C LEU A 90 -16.37 26.03 -14.62
N SER A 91 -15.22 25.41 -14.38
CA SER A 91 -13.91 26.04 -14.61
C SER A 91 -13.73 27.26 -13.72
N GLU A 92 -14.27 27.16 -12.50
CA GLU A 92 -14.11 28.17 -11.47
C GLU A 92 -13.07 27.71 -10.43
N ILE A 93 -11.83 27.64 -10.90
CA ILE A 93 -10.76 27.10 -10.07
C ILE A 93 -10.52 28.01 -8.87
N GLU A 94 -10.44 29.32 -9.11
CA GLU A 94 -10.22 30.24 -8.00
C GLU A 94 -11.36 30.22 -7.00
N LYS A 95 -12.55 29.81 -7.42
CA LYS A 95 -13.65 29.72 -6.48
C LYS A 95 -13.58 28.43 -5.66
N ALA A 96 -13.17 27.32 -6.30
CA ALA A 96 -12.98 26.08 -5.56
C ALA A 96 -11.84 26.19 -4.56
N ARG A 97 -10.79 26.92 -4.92
CA ARG A 97 -9.75 27.23 -3.94
C ARG A 97 -10.32 27.91 -2.71
N GLU A 98 -11.24 28.86 -2.90
CA GLU A 98 -11.86 29.54 -1.77
C GLU A 98 -12.65 28.58 -0.90
N LEU A 99 -13.50 27.77 -1.52
CA LEU A 99 -14.26 26.77 -0.77
C LEU A 99 -13.35 25.97 0.15
N ALA A 100 -12.21 25.51 -0.37
CA ALA A 100 -11.31 24.68 0.43
C ALA A 100 -10.78 25.42 1.64
N GLU A 101 -10.47 26.72 1.49
CA GLU A 101 -10.04 27.49 2.66
C GLU A 101 -11.19 27.66 3.64
N ARG A 102 -12.41 27.91 3.14
CA ARG A 102 -13.57 27.92 4.02
C ARG A 102 -13.72 26.57 4.72
N ALA A 103 -13.55 25.48 3.99
CA ALA A 103 -13.76 24.18 4.59
C ALA A 103 -12.78 23.94 5.75
N LEU A 104 -11.53 24.40 5.62
CA LEU A 104 -10.55 24.15 6.67
C LEU A 104 -10.78 25.05 7.87
N LYS A 105 -11.40 26.21 7.67
CA LYS A 105 -11.73 27.08 8.78
C LYS A 105 -13.10 26.78 9.39
N THR A 106 -13.90 25.92 8.76
CA THR A 106 -15.25 25.62 9.22
C THR A 106 -15.36 24.26 9.88
N ILE A 107 -14.72 23.23 9.32
CA ILE A 107 -14.84 21.90 9.90
C ILE A 107 -14.23 21.86 11.27
N ASN A 108 -14.95 21.29 12.23
CA ASN A 108 -14.50 21.16 13.61
C ASN A 108 -13.13 20.51 13.66
N PHE A 109 -12.19 21.17 14.36
CA PHE A 109 -10.82 20.67 14.38
C PHE A 109 -10.70 19.27 14.99
N ARG A 110 -11.71 18.83 15.76
CA ARG A 110 -11.67 17.47 16.26
C ARG A 110 -11.89 16.46 15.15
N GLU A 111 -12.46 16.89 14.03
CA GLU A 111 -12.84 16.01 12.93
C GLU A 111 -11.67 15.84 11.96
N GLU A 112 -10.59 15.20 12.45
CA GLU A 112 -9.34 15.13 11.71
C GLU A 112 -9.49 14.46 10.34
N ALA A 113 -10.03 13.24 10.28
CA ALA A 113 -10.22 12.57 8.99
C ALA A 113 -10.95 13.45 7.97
N GLU A 114 -11.96 14.20 8.41
CA GLU A 114 -12.65 15.11 7.50
C GLU A 114 -11.72 16.21 7.02
N LYS A 115 -10.89 16.74 7.91
CA LYS A 115 -9.92 17.75 7.51
C LYS A 115 -8.91 17.17 6.54
N LEU A 116 -8.53 15.90 6.75
CA LEU A 116 -7.55 15.26 5.88
C LEU A 116 -8.05 15.25 4.44
N ASN A 117 -9.31 14.86 4.23
CA ASN A 117 -9.84 14.81 2.87
C ASN A 117 -9.70 16.16 2.18
N ILE A 118 -10.00 17.26 2.87
CA ILE A 118 -9.93 18.59 2.27
C ILE A 118 -8.52 18.89 1.78
N TRP A 119 -7.51 18.63 2.61
CA TRP A 119 -6.16 18.82 2.15
C TRP A 119 -5.89 17.98 0.89
N ILE A 120 -6.33 16.73 0.89
CA ILE A 120 -6.14 15.89 -0.29
C ILE A 120 -6.90 16.47 -1.48
N ALA A 121 -8.06 17.07 -1.25
CA ALA A 121 -8.73 17.73 -2.36
C ALA A 121 -7.88 18.89 -2.86
N MET A 122 -7.26 19.65 -1.94
CA MET A 122 -6.43 20.78 -2.38
C MET A 122 -5.21 20.29 -3.13
N LEU A 123 -4.60 19.20 -2.68
CA LEU A 123 -3.46 18.70 -3.43
C LEU A 123 -3.89 18.26 -4.83
N ASN A 124 -5.03 17.59 -4.94
CA ASN A 124 -5.48 17.19 -6.26
C ASN A 124 -5.75 18.40 -7.13
N LEU A 125 -6.53 19.35 -6.65
CA LEU A 125 -6.83 20.53 -7.44
C LEU A 125 -5.55 21.25 -7.83
N GLU A 126 -4.68 21.51 -6.87
CA GLU A 126 -3.42 22.15 -7.24
C GLU A 126 -2.62 21.29 -8.22
N ASN A 127 -2.68 19.95 -8.11
CA ASN A 127 -1.91 19.12 -9.04
C ASN A 127 -2.46 19.18 -10.46
N THR A 128 -3.77 19.15 -10.63
CA THR A 128 -4.22 19.14 -12.01
C THR A 128 -4.46 20.53 -12.57
N PHE A 129 -4.65 21.55 -11.73
CA PHE A 129 -4.92 22.90 -12.26
C PHE A 129 -3.90 23.95 -11.86
N GLY A 130 -3.26 23.82 -10.72
CA GLY A 130 -2.35 24.84 -10.25
C GLY A 130 -1.02 24.78 -10.95
N THR A 131 0.03 25.12 -10.22
CA THR A 131 1.39 25.17 -10.72
C THR A 131 2.32 24.64 -9.64
N GLU A 132 3.58 24.42 -10.01
CA GLU A 132 4.53 23.87 -9.05
C GLU A 132 4.65 24.74 -7.81
N GLU A 133 4.47 26.06 -7.97
CA GLU A 133 4.57 26.95 -6.81
C GLU A 133 3.32 26.86 -5.94
N THR A 134 2.14 26.86 -6.55
CA THR A 134 0.92 26.68 -5.77
C THR A 134 0.86 25.29 -5.16
N LEU A 135 1.24 24.26 -5.93
CA LEU A 135 1.29 22.92 -5.35
C LEU A 135 2.27 22.85 -4.20
N GLU A 136 3.38 23.59 -4.26
CA GLU A 136 4.33 23.52 -3.16
C GLU A 136 3.82 24.26 -1.93
N GLU A 137 3.11 25.38 -2.12
CA GLU A 137 2.59 26.10 -0.96
C GLU A 137 1.61 25.20 -0.20
N VAL A 138 0.67 24.58 -0.92
CA VAL A 138 -0.30 23.72 -0.26
C VAL A 138 0.42 22.57 0.44
N PHE A 139 1.33 21.92 -0.28
CA PHE A 139 2.07 20.79 0.28
C PHE A 139 2.79 21.20 1.55
N SER A 140 3.43 22.35 1.52
CA SER A 140 4.14 22.82 2.70
C SER A 140 3.18 23.07 3.85
N ARG A 141 2.01 23.67 3.57
CA ARG A 141 1.04 23.92 4.62
C ARG A 141 0.44 22.62 5.12
N ALA A 142 0.02 21.74 4.21
CA ALA A 142 -0.54 20.46 4.62
C ALA A 142 0.41 19.71 5.54
N CYS A 143 1.71 19.75 5.25
CA CYS A 143 2.66 19.03 6.09
C CYS A 143 2.78 19.69 7.44
N GLN A 144 2.57 21.00 7.48
CA GLN A 144 2.62 21.74 8.72
C GLN A 144 1.40 21.49 9.60
N TYR A 145 0.24 21.14 9.01
CA TYR A 145 -1.03 20.99 9.76
C TYR A 145 -1.54 19.56 9.88
N MET A 146 -1.29 18.69 8.92
CA MET A 146 -1.58 17.28 9.08
C MET A 146 -0.27 16.52 9.27
N ASP A 147 -0.36 15.25 9.64
CA ASP A 147 0.84 14.41 9.74
C ASP A 147 1.62 14.49 8.44
N SER A 148 2.90 14.83 8.55
CA SER A 148 3.72 15.07 7.37
C SER A 148 3.84 13.81 6.51
N TYR A 149 4.01 12.66 7.16
CA TYR A 149 4.30 11.46 6.37
C TYR A 149 3.07 11.04 5.57
N THR A 150 1.89 11.04 6.19
CA THR A 150 0.73 10.63 5.40
C THR A 150 0.52 11.60 4.24
N ILE A 151 0.75 12.88 4.48
CA ILE A 151 0.61 13.86 3.41
C ILE A 151 1.57 13.54 2.27
N HIS A 152 2.82 13.23 2.60
CA HIS A 152 3.78 12.80 1.57
C HIS A 152 3.23 11.62 0.76
N THR A 153 2.70 10.61 1.45
CA THR A 153 2.22 9.45 0.71
C THR A 153 1.00 9.78 -0.13
N LYS A 154 0.19 10.73 0.33
CA LYS A 154 -0.93 11.16 -0.51
C LYS A 154 -0.43 11.83 -1.78
N LEU A 155 0.59 12.68 -1.67
CA LEU A 155 1.08 13.32 -2.89
C LEU A 155 1.69 12.29 -3.83
N LEU A 156 2.36 11.28 -3.27
CA LEU A 156 2.88 10.19 -4.10
C LEU A 156 1.76 9.54 -4.91
N GLY A 157 0.59 9.31 -4.28
CA GLY A 157 -0.52 8.69 -5.00
C GLY A 157 -1.09 9.61 -6.05
N ILE A 158 -1.21 10.89 -5.74
CA ILE A 158 -1.64 11.86 -6.74
C ILE A 158 -0.70 11.84 -7.94
N TYR A 159 0.61 11.87 -7.68
CA TYR A 159 1.56 11.81 -8.79
C TYR A 159 1.42 10.54 -9.62
N GLU A 160 1.26 9.38 -8.96
CA GLU A 160 1.04 8.14 -9.69
C GLU A 160 -0.26 8.18 -10.48
N ILE A 161 -1.36 8.60 -9.84
CA ILE A 161 -2.63 8.60 -10.55
C ILE A 161 -2.57 9.50 -11.77
N SER A 162 -1.96 10.68 -11.63
CA SER A 162 -1.90 11.65 -12.72
C SER A 162 -0.75 11.36 -13.65
N GLU A 163 -0.07 10.24 -13.46
CA GLU A 163 1.01 9.79 -14.33
C GLU A 163 2.11 10.83 -14.47
N LYS A 164 2.40 11.55 -13.39
CA LYS A 164 3.60 12.37 -13.32
C LYS A 164 4.68 11.55 -12.63
N PHE A 165 5.17 10.55 -13.37
CA PHE A 165 6.08 9.57 -12.79
C PHE A 165 7.44 10.19 -12.45
N ASP A 166 7.91 11.15 -13.25
CA ASP A 166 9.16 11.83 -12.89
C ASP A 166 9.05 12.47 -11.51
N LYS A 167 7.93 13.16 -11.23
CA LYS A 167 7.80 13.78 -9.92
C LYS A 167 7.60 12.74 -8.82
N ALA A 168 6.87 11.66 -9.11
CA ALA A 168 6.75 10.56 -8.15
C ALA A 168 8.13 10.03 -7.77
N ALA A 169 8.89 9.55 -8.76
CA ALA A 169 10.24 9.05 -8.51
C ALA A 169 11.06 9.99 -7.63
N GLU A 170 11.06 11.28 -8.00
CA GLU A 170 11.83 12.25 -7.21
C GLU A 170 11.29 12.32 -5.79
N LEU A 171 9.96 12.43 -5.64
CA LEU A 171 9.38 12.50 -4.30
C LEU A 171 9.70 11.26 -3.49
N PHE A 172 9.50 10.07 -4.05
CA PHE A 172 9.86 8.83 -3.34
C PHE A 172 11.25 8.90 -2.71
N LYS A 173 12.23 9.37 -3.46
CA LYS A 173 13.58 9.45 -2.92
C LYS A 173 13.66 10.43 -1.76
N ALA A 174 12.97 11.56 -1.88
CA ALA A 174 12.97 12.53 -0.79
C ALA A 174 12.28 12.00 0.44
N THR A 175 11.09 11.40 0.29
CA THR A 175 10.43 11.00 1.51
C THR A 175 11.07 9.77 2.12
N ALA A 176 11.63 8.87 1.30
CA ALA A 176 12.47 7.80 1.85
C ALA A 176 13.62 8.38 2.66
N LYS A 177 14.30 9.40 2.12
CA LYS A 177 15.40 10.01 2.84
C LYS A 177 14.98 10.54 4.21
N LYS A 178 13.78 11.11 4.35
CA LYS A 178 13.49 11.68 5.66
C LYS A 178 12.58 10.85 6.54
N PHE A 179 11.79 9.92 6.00
CA PHE A 179 11.01 9.03 6.85
C PHE A 179 11.46 7.58 6.78
N GLY A 180 12.39 7.27 5.88
CA GLY A 180 12.72 5.88 5.63
C GLY A 180 13.41 5.20 6.78
N GLY A 181 14.06 5.97 7.66
CA GLY A 181 14.68 5.40 8.84
C GLY A 181 13.68 4.82 9.82
N GLU A 182 12.42 5.24 9.75
CA GLU A 182 11.40 4.80 10.69
C GLU A 182 10.27 4.01 10.05
N LYS A 183 9.99 4.19 8.77
CA LYS A 183 8.77 3.72 8.14
C LYS A 183 9.07 2.65 7.09
N VAL A 184 8.52 1.45 7.28
CA VAL A 184 8.74 0.36 6.33
C VAL A 184 8.02 0.62 5.03
N SER A 185 6.84 1.25 5.11
CA SER A 185 5.95 1.37 3.96
C SER A 185 6.55 2.22 2.84
N ILE A 186 7.28 3.28 3.18
CA ILE A 186 7.84 4.11 2.12
C ILE A 186 8.67 3.24 1.21
N TRP A 187 9.41 2.29 1.79
CA TRP A 187 10.22 1.39 0.99
C TRP A 187 9.35 0.46 0.18
N VAL A 188 8.34 -0.13 0.80
CA VAL A 188 7.54 -1.07 0.04
C VAL A 188 6.86 -0.36 -1.11
N SER A 189 6.44 0.88 -0.89
CA SER A 189 5.67 1.50 -1.95
C SER A 189 6.58 2.05 -3.04
N TRP A 190 7.79 2.48 -2.69
CA TRP A 190 8.81 2.74 -3.70
C TRP A 190 9.16 1.49 -4.51
N GLY A 191 9.35 0.36 -3.83
CA GLY A 191 9.61 -0.87 -4.55
C GLY A 191 8.48 -1.24 -5.47
N ASP A 192 7.24 -1.09 -5.01
CA ASP A 192 6.09 -1.35 -5.86
C ASP A 192 6.15 -0.49 -7.12
N PHE A 193 6.41 0.80 -6.93
CA PHE A 193 6.52 1.73 -8.05
C PHE A 193 7.57 1.23 -9.06
N LEU A 194 8.79 0.98 -8.59
CA LEU A 194 9.87 0.58 -9.48
C LEU A 194 9.54 -0.72 -10.21
N ILE A 195 9.04 -1.73 -9.50
CA ILE A 195 8.69 -2.99 -10.15
C ILE A 195 7.66 -2.75 -11.25
N SER A 196 6.60 -2.01 -10.95
CA SER A 196 5.58 -1.86 -11.98
C SER A 196 5.98 -0.91 -13.11
N HIS A 197 7.10 -0.22 -13.03
CA HIS A 197 7.69 0.43 -14.19
C HIS A 197 8.89 -0.33 -14.75
N ASN A 198 8.95 -1.64 -14.50
CA ASN A 198 10.01 -2.50 -15.04
C ASN A 198 11.39 -1.97 -14.65
N GLU A 199 11.54 -1.65 -13.38
CA GLU A 199 12.86 -1.35 -12.85
C GLU A 199 13.12 -2.28 -11.66
N GLU A 200 12.88 -3.57 -11.89
CA GLU A 200 13.15 -4.63 -10.91
C GLU A 200 14.56 -4.55 -10.34
N GLN A 201 15.56 -4.23 -11.16
CA GLN A 201 16.91 -4.06 -10.63
C GLN A 201 16.95 -2.92 -9.63
N GLU A 202 16.49 -1.74 -10.03
CA GLU A 202 16.52 -0.59 -9.13
C GLU A 202 15.72 -0.86 -7.87
N ALA A 203 14.59 -1.57 -8.00
CA ALA A 203 13.85 -2.07 -6.84
C ALA A 203 14.76 -2.77 -5.84
N ARG A 204 15.57 -3.71 -6.33
CA ARG A 204 16.45 -4.46 -5.43
C ARG A 204 17.55 -3.59 -4.85
N THR A 205 18.03 -2.58 -5.58
CA THR A 205 19.01 -1.77 -4.89
C THR A 205 18.34 -0.88 -3.86
N ILE A 206 17.04 -0.61 -4.02
CA ILE A 206 16.34 0.19 -3.01
C ILE A 206 15.99 -0.66 -1.80
N LEU A 207 15.72 -1.96 -2.00
CA LEU A 207 15.62 -2.85 -0.85
C LEU A 207 16.93 -2.88 -0.07
N GLY A 208 18.06 -2.83 -0.77
CA GLY A 208 19.31 -2.73 -0.05
C GLY A 208 19.38 -1.49 0.81
N ASN A 209 19.03 -0.34 0.24
CA ASN A 209 19.00 0.89 1.03
C ASN A 209 18.08 0.76 2.24
N ALA A 210 16.94 0.10 2.10
CA ALA A 210 16.04 -0.01 3.24
C ALA A 210 16.69 -0.79 4.39
N LEU A 211 17.29 -1.94 4.07
CA LEU A 211 17.97 -2.74 5.09
C LEU A 211 19.05 -1.93 5.80
N LYS A 212 19.65 -0.98 5.09
CA LYS A 212 20.68 -0.14 5.66
C LYS A 212 20.10 0.99 6.51
N ALA A 213 18.87 1.41 6.23
CA ALA A 213 18.26 2.54 6.92
C ALA A 213 17.37 2.11 8.09
N LEU A 214 16.70 0.99 7.98
CA LEU A 214 15.75 0.47 8.93
C LEU A 214 16.46 -0.23 10.10
N PRO A 215 15.87 -0.21 11.29
CA PRO A 215 16.40 -1.05 12.38
C PRO A 215 16.15 -2.52 12.11
N LYS A 216 16.92 -3.37 12.80
CA LYS A 216 16.92 -4.79 12.46
C LYS A 216 15.54 -5.44 12.63
N ARG A 217 14.70 -4.94 13.53
CA ARG A 217 13.44 -5.67 13.74
C ARG A 217 12.45 -5.46 12.59
N ASN A 218 12.74 -4.56 11.65
CA ASN A 218 11.88 -4.38 10.50
C ASN A 218 12.38 -5.10 9.26
N HIS A 219 13.62 -5.59 9.29
CA HIS A 219 14.22 -6.24 8.14
C HIS A 219 13.37 -7.42 7.64
N ILE A 220 12.92 -8.30 8.54
CA ILE A 220 12.10 -9.42 8.09
C ILE A 220 10.88 -8.89 7.35
N GLU A 221 10.28 -7.82 7.85
CA GLU A 221 9.06 -7.29 7.25
C GLU A 221 9.30 -6.71 5.85
N VAL A 222 10.29 -5.81 5.70
CA VAL A 222 10.53 -5.30 4.35
C VAL A 222 10.73 -6.45 3.38
N VAL A 223 11.74 -7.29 3.67
CA VAL A 223 12.06 -8.40 2.77
C VAL A 223 10.81 -9.22 2.49
N ARG A 224 10.07 -9.58 3.53
CA ARG A 224 8.82 -10.31 3.33
C ARG A 224 7.92 -9.58 2.36
N LYS A 225 7.70 -8.28 2.58
CA LYS A 225 6.76 -7.53 1.74
C LYS A 225 7.32 -7.27 0.35
N PHE A 226 8.63 -7.05 0.24
CA PHE A 226 9.23 -7.00 -1.08
C PHE A 226 9.10 -8.34 -1.81
N ALA A 227 9.15 -9.45 -1.09
CA ALA A 227 9.00 -10.72 -1.77
C ALA A 227 7.60 -10.90 -2.31
N GLN A 228 6.59 -10.60 -1.49
CA GLN A 228 5.21 -10.67 -1.99
C GLN A 228 5.04 -9.81 -3.24
N LEU A 229 5.64 -8.62 -3.24
CA LEU A 229 5.62 -7.78 -4.43
C LEU A 229 6.20 -8.51 -5.62
N GLU A 230 7.37 -9.11 -5.42
CA GLU A 230 8.05 -9.83 -6.48
C GLU A 230 7.16 -10.92 -7.07
N PHE A 231 6.50 -11.70 -6.22
CA PHE A 231 5.60 -12.73 -6.73
C PHE A 231 4.42 -12.12 -7.48
N ALA A 232 3.84 -11.03 -6.94
CA ALA A 232 2.62 -10.47 -7.49
C ALA A 232 2.84 -9.68 -8.79
N LYS A 233 3.97 -9.02 -8.94
CA LYS A 233 4.14 -8.04 -10.01
C LYS A 233 5.47 -8.11 -10.73
N GLY A 234 6.50 -8.71 -10.14
CA GLY A 234 7.78 -8.80 -10.79
C GLY A 234 8.14 -10.24 -11.06
N ASP A 235 9.35 -10.62 -10.65
CA ASP A 235 9.92 -11.90 -11.00
C ASP A 235 9.72 -12.86 -9.84
N PRO A 236 8.89 -13.89 -9.97
CA PRO A 236 8.71 -14.80 -8.83
C PRO A 236 10.00 -15.51 -8.45
N GLU A 237 10.96 -15.59 -9.35
CA GLU A 237 12.24 -16.19 -9.00
C GLU A 237 12.98 -15.36 -7.95
N ARG A 238 12.99 -14.04 -8.10
CA ARG A 238 13.58 -13.21 -7.06
C ARG A 238 12.79 -13.29 -5.76
N GLY A 239 11.46 -13.38 -5.87
CA GLY A 239 10.65 -13.66 -4.70
C GLY A 239 11.11 -14.90 -3.96
N ARG A 240 11.51 -15.94 -4.71
CA ARG A 240 11.96 -17.16 -4.07
C ARG A 240 13.29 -16.96 -3.36
N SER A 241 14.26 -16.30 -4.02
CA SER A 241 15.53 -16.06 -3.34
C SER A 241 15.32 -15.38 -2.00
N LEU A 242 14.45 -14.37 -1.97
CA LEU A 242 14.31 -13.54 -0.78
C LEU A 242 13.73 -14.36 0.38
N PHE A 243 12.65 -15.10 0.10
CA PHE A 243 12.11 -16.00 1.10
C PHE A 243 13.14 -17.03 1.57
N GLU A 244 13.82 -17.67 0.62
CA GLU A 244 14.84 -18.64 1.01
C GLU A 244 15.85 -18.02 1.96
N GLY A 245 16.18 -16.75 1.75
CA GLY A 245 17.10 -16.09 2.64
C GLY A 245 16.52 -15.88 4.03
N LEU A 246 15.23 -15.59 4.11
CA LEU A 246 14.63 -15.33 5.41
C LEU A 246 14.59 -16.60 6.24
N VAL A 247 13.85 -17.59 5.76
CA VAL A 247 13.84 -18.96 6.23
C VAL A 247 15.25 -19.45 6.60
N ALA A 248 16.24 -19.08 5.80
CA ALA A 248 17.61 -19.46 6.13
C ALA A 248 18.09 -18.78 7.40
N ASP A 249 17.58 -17.59 7.72
CA ASP A 249 18.02 -16.87 8.91
C ASP A 249 17.14 -17.11 10.12
N ALA A 250 15.88 -17.45 9.88
CA ALA A 250 14.90 -17.66 10.93
C ALA A 250 14.24 -19.00 10.69
N PRO A 251 15.00 -20.09 10.81
CA PRO A 251 14.44 -21.41 10.48
C PRO A 251 13.25 -21.78 11.35
N LYS A 252 13.21 -21.28 12.58
CA LYS A 252 12.10 -21.60 13.47
C LYS A 252 10.82 -20.85 13.09
N ARG A 253 10.93 -19.63 12.57
CA ARG A 253 9.76 -18.78 12.34
C ARG A 253 8.78 -19.40 11.35
N ILE A 254 7.94 -20.33 11.84
CA ILE A 254 7.06 -21.08 10.97
C ILE A 254 6.09 -20.19 10.19
N ASP A 255 5.80 -18.98 10.68
CA ASP A 255 4.91 -18.08 9.95
C ASP A 255 5.47 -17.74 8.56
N LEU A 256 6.79 -17.62 8.43
CA LEU A 256 7.36 -17.28 7.14
C LEU A 256 7.19 -18.43 6.15
N TRP A 257 7.43 -19.66 6.60
CA TRP A 257 7.17 -20.82 5.75
C TRP A 257 5.75 -20.79 5.23
N ASN A 258 4.81 -20.30 6.04
CA ASN A 258 3.43 -20.20 5.59
C ASN A 258 3.29 -19.18 4.47
N VAL A 259 3.78 -17.96 4.68
CA VAL A 259 3.67 -16.93 3.64
C VAL A 259 4.34 -17.40 2.36
N TYR A 260 5.49 -18.06 2.49
CA TYR A 260 6.19 -18.61 1.34
C TYR A 260 5.28 -19.53 0.52
N VAL A 261 4.74 -20.59 1.14
CA VAL A 261 3.98 -21.57 0.35
C VAL A 261 2.71 -20.96 -0.21
N ASP A 262 2.03 -20.11 0.57
CA ASP A 262 0.85 -19.40 0.05
C ASP A 262 1.19 -18.66 -1.23
N GLN A 263 2.36 -18.01 -1.25
CA GLN A 263 2.80 -17.32 -2.44
C GLN A 263 3.05 -18.32 -3.58
N GLU A 264 3.54 -19.51 -3.25
CA GLU A 264 3.75 -20.52 -4.27
C GLU A 264 2.43 -21.14 -4.70
N VAL A 265 1.50 -21.30 -3.76
CA VAL A 265 0.13 -21.72 -4.10
C VAL A 265 -0.48 -20.75 -5.11
N LYS A 266 -0.37 -19.45 -4.85
CA LYS A 266 -0.95 -18.46 -5.76
C LYS A 266 -0.25 -18.46 -7.10
N ALA A 267 1.06 -18.75 -7.13
CA ALA A 267 1.79 -18.85 -8.38
C ALA A 267 1.46 -20.13 -9.14
N LYS A 268 0.97 -21.16 -8.44
CA LYS A 268 0.37 -22.37 -8.98
C LYS A 268 1.38 -23.33 -9.62
N ASP A 269 2.68 -23.07 -9.54
CA ASP A 269 3.65 -23.98 -10.15
C ASP A 269 3.67 -25.31 -9.39
N LYS A 270 3.52 -26.40 -10.13
CA LYS A 270 3.30 -27.73 -9.56
C LYS A 270 4.45 -28.19 -8.66
N LYS A 271 5.59 -28.52 -9.27
CA LYS A 271 6.71 -29.09 -8.52
C LYS A 271 7.23 -28.13 -7.47
N LYS A 272 7.19 -26.83 -7.76
CA LYS A 272 7.61 -25.83 -6.80
C LYS A 272 6.84 -25.96 -5.49
N VAL A 273 5.51 -26.09 -5.58
CA VAL A 273 4.70 -26.17 -4.38
C VAL A 273 4.99 -27.46 -3.61
N GLU A 274 5.02 -28.59 -4.31
CA GLU A 274 5.28 -29.86 -3.65
C GLU A 274 6.65 -29.87 -3.00
N ASP A 275 7.68 -29.43 -3.74
CA ASP A 275 9.02 -29.33 -3.16
C ASP A 275 9.02 -28.52 -1.88
N LEU A 276 8.22 -27.46 -1.83
CA LEU A 276 8.18 -26.63 -0.64
C LEU A 276 7.53 -27.39 0.52
N PHE A 277 6.40 -28.03 0.27
CA PHE A 277 5.70 -28.74 1.34
C PHE A 277 6.57 -29.83 1.95
N GLU A 278 7.25 -30.61 1.11
CA GLU A 278 8.07 -31.70 1.61
C GLU A 278 9.25 -31.20 2.43
N ARG A 279 9.75 -29.99 2.12
CA ARG A 279 10.78 -29.41 2.98
C ARG A 279 10.20 -28.92 4.30
N ILE A 280 8.90 -28.64 4.36
CA ILE A 280 8.34 -28.01 5.54
C ILE A 280 8.24 -28.99 6.69
N ILE A 281 7.97 -30.25 6.38
CA ILE A 281 7.70 -31.24 7.42
C ILE A 281 8.96 -31.55 8.22
N THR A 282 10.10 -31.68 7.55
CA THR A 282 11.34 -31.99 8.26
C THR A 282 11.63 -30.93 9.33
N LYS A 283 11.29 -29.67 9.05
CA LYS A 283 11.47 -28.64 10.06
C LYS A 283 10.44 -28.81 11.18
N LYS A 284 10.73 -28.19 12.32
CA LYS A 284 10.00 -28.46 13.56
C LYS A 284 8.61 -27.82 13.55
N ILE A 285 7.57 -28.64 13.57
CA ILE A 285 6.19 -28.16 13.60
C ILE A 285 5.48 -28.70 14.84
N THR A 286 4.56 -27.90 15.37
CA THR A 286 3.70 -28.37 16.45
C THR A 286 2.54 -29.19 15.88
N ARG A 287 1.67 -29.63 16.79
CA ARG A 287 0.60 -30.56 16.45
C ARG A 287 -0.41 -29.93 15.51
N LYS A 288 -1.17 -28.96 16.02
CA LYS A 288 -2.23 -28.36 15.22
C LYS A 288 -1.67 -27.57 14.05
N GLN A 289 -0.45 -27.04 14.17
CA GLN A 289 0.19 -26.36 13.04
C GLN A 289 0.54 -27.35 11.93
N ALA A 290 1.09 -28.52 12.30
CA ALA A 290 1.32 -29.57 11.31
C ALA A 290 0.04 -29.92 10.59
N LYS A 291 -1.10 -29.91 11.30
CA LYS A 291 -2.37 -30.17 10.64
C LYS A 291 -2.70 -29.08 9.63
N PHE A 292 -2.41 -27.81 9.99
CA PHE A 292 -2.77 -26.69 9.12
C PHE A 292 -2.13 -26.82 7.75
N PHE A 293 -0.84 -27.19 7.71
CA PHE A 293 -0.16 -27.35 6.43
C PHE A 293 -0.80 -28.47 5.61
N PHE A 294 -1.21 -29.55 6.26
CA PHE A 294 -1.86 -30.66 5.55
C PHE A 294 -3.17 -30.21 4.91
N ASN A 295 -3.96 -29.41 5.62
CA ASN A 295 -5.15 -28.82 5.02
C ASN A 295 -4.79 -28.06 3.75
N LYS A 296 -3.73 -27.26 3.80
CA LYS A 296 -3.30 -26.50 2.63
C LYS A 296 -2.87 -27.41 1.50
N TRP A 297 -2.09 -28.45 1.81
CA TRP A 297 -1.63 -29.36 0.77
C TRP A 297 -2.79 -30.10 0.13
N LEU A 298 -3.72 -30.59 0.95
CA LEU A 298 -4.81 -31.40 0.42
C LEU A 298 -5.68 -30.59 -0.52
N GLN A 299 -6.28 -29.50 -0.04
CA GLN A 299 -7.19 -28.71 -0.86
C GLN A 299 -6.49 -28.07 -2.04
N PHE A 300 -5.15 -28.01 -2.05
CA PHE A 300 -4.46 -27.54 -3.25
C PHE A 300 -4.42 -28.62 -4.32
N GLU A 301 -3.81 -29.77 -4.01
CA GLU A 301 -3.70 -30.84 -4.99
C GLU A 301 -5.06 -31.29 -5.49
N GLU A 302 -6.09 -31.13 -4.66
CA GLU A 302 -7.46 -31.34 -5.12
C GLU A 302 -7.79 -30.45 -6.32
N SER A 303 -7.48 -29.16 -6.23
CA SER A 303 -7.78 -28.22 -7.32
C SER A 303 -6.63 -28.12 -8.32
N LYS A 308 -4.94 -37.58 -9.01
CA LYS A 308 -4.02 -38.72 -9.03
C LYS A 308 -3.16 -38.78 -7.79
N THR A 309 -2.21 -37.85 -7.66
CA THR A 309 -1.36 -37.78 -6.48
C THR A 309 -2.08 -37.24 -5.25
N ILE A 310 -3.42 -37.19 -5.28
CA ILE A 310 -4.20 -36.92 -4.08
C ILE A 310 -4.03 -38.01 -3.03
N GLU A 311 -3.40 -39.13 -3.41
CA GLU A 311 -3.14 -40.27 -2.54
C GLU A 311 -1.78 -40.18 -1.87
N TYR A 312 -0.76 -39.72 -2.60
CA TYR A 312 0.59 -39.59 -2.07
C TYR A 312 0.63 -38.74 -0.81
N VAL A 313 -0.40 -37.91 -0.58
CA VAL A 313 -0.45 -37.05 0.59
C VAL A 313 -1.21 -37.71 1.74
N LYS A 314 -2.28 -38.43 1.45
CA LYS A 314 -3.05 -39.05 2.51
C LYS A 314 -2.26 -40.17 3.18
N ALA A 315 -1.51 -40.95 2.40
CA ALA A 315 -0.68 -42.02 2.95
C ALA A 315 0.40 -41.49 3.87
N LYS A 316 0.83 -40.24 3.67
CA LYS A 316 1.77 -39.59 4.57
C LYS A 316 1.08 -38.73 5.62
N ALA A 317 -0.21 -38.40 5.42
CA ALA A 317 -0.94 -37.52 6.33
C ALA A 317 -1.13 -38.14 7.71
N THR A 318 -1.12 -39.46 7.82
CA THR A 318 -1.29 -40.13 9.10
C THR A 318 -0.11 -41.00 9.49
N GLU A 319 0.92 -41.09 8.65
CA GLU A 319 2.17 -41.71 9.09
C GLU A 319 2.86 -40.89 10.16
N TYR A 320 2.49 -39.62 10.31
CA TYR A 320 3.06 -38.75 11.33
C TYR A 320 2.23 -38.68 12.61
N VAL A 321 0.95 -39.04 12.54
CA VAL A 321 0.23 -39.31 13.79
C VAL A 321 0.84 -40.52 14.48
N ALA A 322 1.46 -41.42 13.71
CA ALA A 322 2.14 -42.59 14.28
C ALA A 322 3.57 -42.24 14.68
N SER A 323 4.37 -41.74 13.74
CA SER A 323 5.75 -41.36 14.01
C SER A 323 6.07 -39.99 13.44
S SO4 B . 4.75 1.60 8.74
O1 SO4 B . 4.37 2.90 8.18
O2 SO4 B . 4.69 0.52 7.75
O3 SO4 B . 6.13 1.64 9.24
O4 SO4 B . 3.78 1.32 9.81
S SO4 C . 0.75 -7.00 6.67
O1 SO4 C . 0.71 -5.62 6.18
O2 SO4 C . 0.51 -7.95 5.57
O3 SO4 C . 2.06 -7.23 7.28
O4 SO4 C . -0.27 -7.18 7.71
S SO4 D . -12.81 25.11 14.64
O1 SO4 D . -13.19 26.31 13.88
O2 SO4 D . -13.58 23.94 14.18
O3 SO4 D . -11.38 24.92 14.36
O4 SO4 D . -13.08 25.30 16.07
#